data_3LSN
#
_entry.id   3LSN
#
_cell.length_a   84.182
_cell.length_b   47.875
_cell.length_c   75.982
_cell.angle_alpha   90.000
_cell.angle_beta   120.780
_cell.angle_gamma   90.000
#
_symmetry.space_group_name_H-M   'C 1 2 1'
#
loop_
_entity.id
_entity.type
_entity.pdbx_description
1 polymer Geranyltranstransferase
2 non-polymer 'MAGNESIUM ION'
3 water water
#
_entity_poly.entity_id   1
_entity_poly.type   'polypeptide(L)'
_entity_poly.pdbx_seq_one_letter_code
;(MSE)SLTAYQASSQARVDAA(MSE)HTLFTAPSPELARLYEA(MSE)RYSV(MSE)NGGKRVRPLLAYAACEALGGKPE
QANGAACAVELIHAYSLVHDDLPA(MSE)DDDDLRRGQPTTHKAFDEACAILAGDGLQSLAFSALLDPALSDASAEIRLR
(MSE)VTTLAQAAGPAG(MSE)VGGQAIDLGSVGLKLDQQALEY(MSE)HRHKTGALIEASVILGALASGRAEKGELKAL
QTYAQAIGLAFQVQDDILDVESDTATLGKRQGADIARDKPTYPALLGLAAAKEYALELRDQALHALRPFDAAAEPLRELA
RYIVERRSEGHHHHHH
;
_entity_poly.pdbx_strand_id   A
#
# COMPACT_ATOMS: atom_id res chain seq x y z
N SER A 2 -2.57 -20.43 5.08
CA SER A 2 -1.67 -20.09 3.93
C SER A 2 -1.84 -18.62 3.56
N LEU A 3 -0.89 -18.10 2.77
CA LEU A 3 -0.98 -16.71 2.33
C LEU A 3 -2.13 -16.52 1.34
N THR A 4 -2.38 -17.53 0.51
CA THR A 4 -3.54 -17.51 -0.39
C THR A 4 -4.85 -17.32 0.39
N ALA A 5 -5.02 -18.12 1.44
CA ALA A 5 -6.17 -18.01 2.32
C ALA A 5 -6.21 -16.65 3.00
N TYR A 6 -5.06 -16.17 3.50
CA TYR A 6 -5.05 -14.90 4.24
C TYR A 6 -5.33 -13.72 3.31
N GLN A 7 -4.78 -13.77 2.08
CA GLN A 7 -5.10 -12.76 1.08
C GLN A 7 -6.60 -12.74 0.77
N ALA A 8 -7.20 -13.92 0.62
CA ALA A 8 -8.62 -14.01 0.29
C ALA A 8 -9.49 -13.43 1.39
N SER A 9 -9.20 -13.74 2.65
CA SER A 9 -9.96 -13.19 3.77
CA SER A 9 -9.99 -13.18 3.73
C SER A 9 -9.77 -11.68 3.88
N SER A 10 -8.55 -11.22 3.65
CA SER A 10 -8.24 -9.77 3.73
C SER A 10 -9.01 -9.01 2.67
N GLN A 11 -8.98 -9.52 1.43
CA GLN A 11 -9.67 -8.92 0.30
C GLN A 11 -11.17 -8.86 0.57
N ALA A 12 -11.75 -9.97 1.04
CA ALA A 12 -13.18 -10.03 1.28
C ALA A 12 -13.59 -9.04 2.37
N ARG A 13 -12.79 -8.94 3.43
CA ARG A 13 -13.14 -8.11 4.56
C ARG A 13 -13.09 -6.63 4.19
N VAL A 14 -12.01 -6.20 3.55
CA VAL A 14 -11.92 -4.79 3.18
C VAL A 14 -12.94 -4.39 2.10
N ASP A 15 -13.21 -5.30 1.18
CA ASP A 15 -14.17 -5.01 0.09
C ASP A 15 -15.56 -4.82 0.68
N ALA A 16 -15.91 -5.65 1.67
CA ALA A 16 -17.22 -5.54 2.31
C ALA A 16 -17.28 -4.24 3.11
N ALA A 17 -16.18 -3.90 3.80
CA ALA A 17 -16.13 -2.69 4.61
C ALA A 17 -16.23 -1.44 3.74
N HIS A 19 -17.72 -1.16 0.90
CA HIS A 19 -18.98 -1.10 0.19
C HIS A 19 -19.85 0.11 0.60
N THR A 20 -20.06 0.28 1.91
CA THR A 20 -20.92 1.35 2.41
C THR A 20 -20.42 2.73 2.01
N LEU A 21 -19.10 2.86 1.92
CA LEU A 21 -18.51 4.16 1.67
C LEU A 21 -18.88 4.74 0.32
N PHE A 22 -19.35 3.88 -0.60
CA PHE A 22 -19.47 4.26 -2.00
C PHE A 22 -20.89 4.41 -2.52
N THR A 23 -21.84 4.57 -1.61
CA THR A 23 -23.21 4.93 -2.00
C THR A 23 -23.37 6.44 -1.98
N ALA A 24 -23.72 7.02 -3.12
CA ALA A 24 -23.90 8.47 -3.21
C ALA A 24 -25.09 8.92 -2.36
N PRO A 25 -24.96 10.09 -1.71
CA PRO A 25 -26.08 10.57 -0.92
C PRO A 25 -27.22 11.15 -1.78
N SER A 26 -26.98 11.32 -3.08
CA SER A 26 -27.98 11.86 -3.97
C SER A 26 -27.73 11.45 -5.41
N PRO A 27 -28.77 11.45 -6.26
CA PRO A 27 -28.57 11.14 -7.66
C PRO A 27 -27.57 12.05 -8.35
N GLU A 28 -27.52 13.32 -7.92
CA GLU A 28 -26.62 14.30 -8.54
C GLU A 28 -25.15 13.87 -8.38
N LEU A 29 -24.89 13.12 -7.32
CA LEU A 29 -23.53 12.70 -6.97
C LEU A 29 -23.21 11.27 -7.42
N ALA A 30 -24.18 10.62 -8.07
CA ALA A 30 -24.03 9.20 -8.41
C ALA A 30 -22.81 8.94 -9.28
N ARG A 31 -22.59 9.76 -10.31
CA ARG A 31 -21.49 9.49 -11.25
C ARG A 31 -20.14 9.59 -10.55
N LEU A 32 -19.99 10.55 -9.63
CA LEU A 32 -18.75 10.69 -8.88
C LEU A 32 -18.49 9.44 -8.03
N TYR A 33 -19.51 8.99 -7.31
CA TYR A 33 -19.35 7.81 -6.48
C TYR A 33 -19.08 6.58 -7.35
N GLU A 34 -19.71 6.53 -8.53
CA GLU A 34 -19.44 5.43 -9.44
C GLU A 34 -17.98 5.45 -9.89
N ALA A 35 -17.45 6.61 -10.21
CA ALA A 35 -16.06 6.72 -10.65
C ALA A 35 -15.09 6.32 -9.55
N ARG A 37 -15.87 4.14 -7.08
CA ARG A 37 -16.01 2.67 -7.00
C ARG A 37 -15.20 1.98 -8.08
N TYR A 38 -15.25 2.53 -9.30
CA TYR A 38 -14.57 1.94 -10.45
C TYR A 38 -13.06 1.90 -10.19
N SER A 39 -12.57 2.96 -9.55
CA SER A 39 -11.15 3.12 -9.24
C SER A 39 -10.69 2.18 -8.15
N VAL A 40 -11.61 1.72 -7.31
CA VAL A 40 -11.25 0.84 -6.20
C VAL A 40 -11.62 -0.60 -6.46
N ASN A 42 -11.79 -3.02 -8.59
CA ASN A 42 -11.30 -3.56 -9.86
C ASN A 42 -10.70 -4.96 -9.72
N GLY A 43 -10.96 -5.61 -8.58
CA GLY A 43 -10.40 -6.92 -8.27
C GLY A 43 -8.99 -6.86 -7.71
N GLY A 44 -8.64 -5.72 -7.12
CA GLY A 44 -7.28 -5.47 -6.59
C GLY A 44 -6.92 -6.48 -5.53
N LYS A 45 -5.62 -6.76 -5.38
CA LYS A 45 -5.15 -7.79 -4.45
C LYS A 45 -5.17 -7.37 -2.98
N ARG A 46 -5.28 -6.07 -2.73
CA ARG A 46 -5.44 -5.54 -1.37
C ARG A 46 -4.26 -5.88 -0.46
N VAL A 47 -3.04 -5.75 -0.94
CA VAL A 47 -1.85 -6.00 -0.12
CA VAL A 47 -1.89 -6.04 -0.08
C VAL A 47 -1.80 -5.06 1.10
N ARG A 48 -2.19 -3.80 0.92
CA ARG A 48 -2.11 -2.84 2.01
C ARG A 48 -3.14 -3.16 3.13
N PRO A 49 -4.41 -3.44 2.76
CA PRO A 49 -5.33 -4.01 3.76
C PRO A 49 -4.77 -5.29 4.43
N LEU A 50 -4.20 -6.21 3.65
CA LEU A 50 -3.60 -7.44 4.21
C LEU A 50 -2.58 -7.08 5.29
N LEU A 51 -1.71 -6.13 4.99
CA LEU A 51 -0.70 -5.69 5.96
C LEU A 51 -1.33 -5.11 7.23
N ALA A 52 -2.36 -4.28 7.07
CA ALA A 52 -3.03 -3.69 8.22
C ALA A 52 -3.68 -4.76 9.10
N TYR A 53 -4.42 -5.67 8.49
CA TYR A 53 -5.09 -6.74 9.24
C TYR A 53 -4.06 -7.64 9.93
N ALA A 54 -2.97 -7.94 9.21
CA ALA A 54 -1.97 -8.85 9.73
C ALA A 54 -1.20 -8.23 10.89
N ALA A 55 -0.90 -6.94 10.80
CA ALA A 55 -0.25 -6.23 11.88
C ALA A 55 -1.15 -6.19 13.12
N CYS A 56 -2.44 -5.94 12.89
CA CYS A 56 -3.42 -5.92 13.96
C CYS A 56 -3.46 -7.29 14.66
N GLU A 57 -3.58 -8.36 13.88
CA GLU A 57 -3.63 -9.71 14.46
C GLU A 57 -2.31 -10.14 15.11
N ALA A 58 -1.18 -9.67 14.58
CA ALA A 58 0.12 -9.99 15.16
C ALA A 58 0.21 -9.48 16.59
N LEU A 59 -0.51 -8.41 16.88
CA LEU A 59 -0.51 -7.85 18.23
C LEU A 59 -1.70 -8.32 19.08
N GLY A 60 -2.48 -9.23 18.52
CA GLY A 60 -3.58 -9.83 19.28
C GLY A 60 -4.92 -9.16 19.08
N GLY A 61 -5.03 -8.25 18.12
CA GLY A 61 -6.31 -7.64 17.81
C GLY A 61 -7.16 -8.55 16.95
N LYS A 62 -8.48 -8.36 17.01
CA LYS A 62 -9.40 -8.92 16.03
C LYS A 62 -9.21 -8.13 14.75
N PRO A 63 -9.21 -8.81 13.60
CA PRO A 63 -8.89 -8.10 12.36
C PRO A 63 -9.84 -6.96 12.04
N GLU A 64 -11.13 -7.09 12.38
CA GLU A 64 -12.07 -6.03 12.07
C GLU A 64 -11.77 -4.70 12.80
N GLN A 65 -11.02 -4.77 13.91
CA GLN A 65 -10.52 -3.55 14.59
C GLN A 65 -9.74 -2.65 13.61
N ALA A 66 -9.12 -3.26 12.61
CA ALA A 66 -8.33 -2.56 11.61
C ALA A 66 -9.09 -2.27 10.32
N ASN A 67 -10.43 -2.37 10.32
CA ASN A 67 -11.18 -2.07 9.11
C ASN A 67 -10.95 -0.62 8.64
N GLY A 68 -10.96 0.33 9.55
CA GLY A 68 -10.73 1.74 9.20
C GLY A 68 -9.34 1.93 8.61
N ALA A 69 -8.34 1.35 9.27
CA ALA A 69 -6.96 1.37 8.75
C ALA A 69 -6.87 0.78 7.36
N ALA A 70 -7.43 -0.41 7.19
CA ALA A 70 -7.40 -1.13 5.92
C ALA A 70 -8.07 -0.35 4.80
N CYS A 71 -9.28 0.15 5.06
CA CYS A 71 -9.97 0.98 4.09
C CYS A 71 -9.16 2.22 3.75
N ALA A 72 -8.63 2.89 4.77
CA ALA A 72 -7.88 4.14 4.53
C ALA A 72 -6.70 3.93 3.61
N VAL A 73 -5.90 2.91 3.88
CA VAL A 73 -4.70 2.72 3.07
C VAL A 73 -5.05 2.27 1.65
N GLU A 74 -6.12 1.49 1.49
CA GLU A 74 -6.54 1.12 0.15
C GLU A 74 -7.10 2.31 -0.64
N LEU A 75 -7.84 3.18 0.03
CA LEU A 75 -8.39 4.37 -0.61
C LEU A 75 -7.28 5.34 -1.05
N ILE A 76 -6.26 5.51 -0.20
CA ILE A 76 -5.11 6.33 -0.58
C ILE A 76 -4.38 5.69 -1.77
N HIS A 77 -4.18 4.38 -1.71
CA HIS A 77 -3.54 3.68 -2.80
C HIS A 77 -4.31 3.88 -4.10
N ALA A 78 -5.61 3.63 -4.06
CA ALA A 78 -6.47 3.76 -5.23
C ALA A 78 -6.44 5.18 -5.81
N TYR A 79 -6.51 6.20 -4.95
CA TYR A 79 -6.49 7.58 -5.47
C TYR A 79 -5.16 7.84 -6.17
N SER A 80 -4.07 7.34 -5.59
CA SER A 80 -2.78 7.61 -6.17
C SER A 80 -2.67 7.04 -7.60
N LEU A 81 -3.27 5.87 -7.83
CA LEU A 81 -3.22 5.25 -9.14
C LEU A 81 -4.09 6.01 -10.13
N VAL A 82 -5.25 6.50 -9.70
CA VAL A 82 -6.13 7.26 -10.61
C VAL A 82 -5.41 8.48 -11.15
N HIS A 83 -4.73 9.21 -10.26
CA HIS A 83 -3.95 10.36 -10.70
C HIS A 83 -2.74 9.98 -11.51
N ASP A 84 -2.05 8.92 -11.11
CA ASP A 84 -0.86 8.45 -11.81
C ASP A 84 -1.16 8.06 -13.25
N ASP A 85 -2.33 7.50 -13.50
CA ASP A 85 -2.68 7.08 -14.86
C ASP A 85 -3.00 8.23 -15.82
N LEU A 86 -3.24 9.44 -15.30
CA LEU A 86 -3.63 10.58 -16.14
C LEU A 86 -2.59 10.90 -17.21
N PRO A 87 -3.03 11.39 -18.38
CA PRO A 87 -2.10 11.77 -19.45
C PRO A 87 -0.94 12.66 -18.97
N ALA A 88 -1.21 13.57 -18.04
CA ALA A 88 -0.17 14.49 -17.54
C ALA A 88 0.89 13.78 -16.70
N ASP A 90 1.54 9.37 -15.88
CA ASP A 90 1.99 8.17 -16.60
C ASP A 90 1.36 8.02 -17.97
N ASP A 91 0.18 8.59 -18.16
CA ASP A 91 -0.57 8.46 -19.42
C ASP A 91 -0.84 6.99 -19.76
N ASP A 92 -1.61 6.32 -18.91
CA ASP A 92 -2.00 4.94 -19.16
C ASP A 92 -3.47 4.83 -19.48
N ASP A 93 -3.77 4.13 -20.57
CA ASP A 93 -5.14 3.85 -20.98
C ASP A 93 -5.70 2.58 -20.33
N LEU A 94 -4.81 1.72 -19.84
CA LEU A 94 -5.19 0.47 -19.20
C LEU A 94 -4.49 0.31 -17.86
N ARG A 95 -5.15 -0.39 -16.95
CA ARG A 95 -4.57 -0.83 -15.70
C ARG A 95 -5.10 -2.22 -15.43
N ARG A 96 -4.16 -3.17 -15.27
CA ARG A 96 -4.48 -4.60 -15.10
C ARG A 96 -5.45 -5.09 -16.17
N GLY A 97 -5.23 -4.63 -17.41
CA GLY A 97 -6.06 -5.04 -18.55
C GLY A 97 -7.36 -4.29 -18.81
N GLN A 98 -7.83 -3.50 -17.85
CA GLN A 98 -9.08 -2.76 -18.03
C GLN A 98 -8.87 -1.24 -18.19
N PRO A 99 -9.81 -0.53 -18.85
CA PRO A 99 -9.61 0.90 -19.05
C PRO A 99 -9.43 1.65 -17.73
N THR A 100 -8.50 2.59 -17.71
CA THR A 100 -8.27 3.42 -16.53
C THR A 100 -9.45 4.35 -16.29
N THR A 101 -9.49 4.96 -15.10
CA THR A 101 -10.65 5.78 -14.76
C THR A 101 -10.89 6.94 -15.73
N HIS A 102 -9.83 7.63 -16.18
CA HIS A 102 -10.05 8.75 -17.08
C HIS A 102 -10.52 8.30 -18.46
N LYS A 103 -10.24 7.04 -18.82
CA LYS A 103 -10.71 6.50 -20.09
C LYS A 103 -12.15 6.06 -20.02
N ALA A 104 -12.53 5.42 -18.91
CA ALA A 104 -13.91 4.98 -18.72
C ALA A 104 -14.87 6.15 -18.42
N PHE A 105 -14.34 7.20 -17.82
CA PHE A 105 -15.14 8.37 -17.51
C PHE A 105 -14.58 9.52 -18.35
N ASP A 106 -13.88 10.46 -17.73
CA ASP A 106 -13.08 11.45 -18.44
C ASP A 106 -12.02 11.97 -17.47
N GLU A 107 -11.15 12.87 -17.93
CA GLU A 107 -10.04 13.31 -17.09
C GLU A 107 -10.52 14.10 -15.89
N ALA A 108 -11.49 14.99 -16.09
CA ALA A 108 -11.99 15.80 -14.98
C ALA A 108 -12.57 14.90 -13.89
N CYS A 109 -13.34 13.90 -14.32
CA CYS A 109 -13.98 12.99 -13.40
C CYS A 109 -12.94 12.17 -12.62
N ALA A 110 -11.88 11.76 -13.29
CA ALA A 110 -10.80 11.02 -12.68
C ALA A 110 -10.03 11.89 -11.69
N ILE A 111 -9.79 13.14 -12.03
CA ILE A 111 -9.12 14.05 -11.10
C ILE A 111 -9.96 14.13 -9.82
N LEU A 112 -11.24 14.40 -9.98
CA LEU A 112 -12.15 14.53 -8.83
C LEU A 112 -12.32 13.23 -8.06
N ALA A 113 -12.40 12.09 -8.77
CA ALA A 113 -12.52 10.80 -8.09
C ALA A 113 -11.32 10.58 -7.18
N GLY A 114 -10.12 10.88 -7.68
CA GLY A 114 -8.92 10.75 -6.84
C GLY A 114 -8.96 11.71 -5.64
N ASP A 115 -9.39 12.94 -5.87
CA ASP A 115 -9.47 13.93 -4.80
C ASP A 115 -10.46 13.48 -3.72
N GLY A 116 -11.60 12.96 -4.17
CA GLY A 116 -12.65 12.47 -3.28
C GLY A 116 -12.20 11.24 -2.51
N LEU A 117 -11.48 10.34 -3.17
CA LEU A 117 -10.94 9.15 -2.51
C LEU A 117 -9.98 9.51 -1.37
N GLN A 118 -9.13 10.53 -1.57
CA GLN A 118 -8.25 10.93 -0.47
C GLN A 118 -9.06 11.38 0.74
N SER A 119 -10.08 12.23 0.55
CA SER A 119 -10.90 12.72 1.65
C SER A 119 -11.60 11.55 2.32
N LEU A 120 -12.12 10.63 1.51
CA LEU A 120 -12.80 9.44 2.03
CA LEU A 120 -12.82 9.47 2.04
C LEU A 120 -11.89 8.56 2.88
N ALA A 121 -10.60 8.51 2.55
CA ALA A 121 -9.64 7.70 3.31
C ALA A 121 -9.58 8.22 4.75
N PHE A 122 -9.53 9.53 4.91
CA PHE A 122 -9.56 10.09 6.27
C PHE A 122 -10.88 9.84 6.96
N SER A 123 -12.00 10.01 6.25
CA SER A 123 -13.31 9.69 6.83
C SER A 123 -13.38 8.25 7.32
N ALA A 124 -12.82 7.32 6.54
CA ALA A 124 -12.90 5.90 6.87
C ALA A 124 -12.10 5.61 8.12
N LEU A 125 -10.95 6.27 8.25
CA LEU A 125 -10.07 6.07 9.40
CA LEU A 125 -10.09 6.04 9.39
C LEU A 125 -10.77 6.39 10.70
N LEU A 126 -11.64 7.39 10.68
CA LEU A 126 -12.28 7.90 11.88
C LEU A 126 -13.76 7.47 12.04
N ASP A 127 -14.24 6.66 11.09
CA ASP A 127 -15.63 6.16 11.09
C ASP A 127 -15.81 5.18 12.27
N PRO A 128 -16.73 5.46 13.21
CA PRO A 128 -16.93 4.58 14.37
C PRO A 128 -17.39 3.16 14.02
N ALA A 129 -17.95 2.99 12.83
CA ALA A 129 -18.41 1.69 12.38
C ALA A 129 -17.26 0.82 11.88
N LEU A 130 -16.10 1.43 11.62
CA LEU A 130 -14.96 0.73 11.02
C LEU A 130 -13.88 0.49 12.04
N SER A 131 -14.12 0.95 13.25
CA SER A 131 -13.18 0.66 14.32
C SER A 131 -13.75 1.19 15.59
N ASP A 132 -13.06 0.87 16.67
CA ASP A 132 -13.50 1.26 17.98
C ASP A 132 -12.35 1.80 18.83
N ALA A 133 -11.23 2.15 18.20
CA ALA A 133 -10.07 2.61 18.97
C ALA A 133 -10.34 3.95 19.65
N SER A 134 -9.59 4.22 20.72
CA SER A 134 -9.73 5.48 21.47
C SER A 134 -9.46 6.68 20.57
N ALA A 135 -9.96 7.85 20.98
CA ALA A 135 -9.72 9.08 20.22
C ALA A 135 -8.24 9.34 20.03
N GLU A 136 -7.46 9.01 21.06
CA GLU A 136 -5.99 9.20 21.08
C GLU A 136 -5.23 8.25 20.15
N ILE A 137 -5.61 6.97 20.15
CA ILE A 137 -5.04 6.03 19.19
C ILE A 137 -5.40 6.50 17.80
N ARG A 138 -6.66 6.88 17.63
CA ARG A 138 -7.16 7.39 16.37
C ARG A 138 -6.43 8.65 15.92
N LEU A 139 -5.97 9.45 16.88
CA LEU A 139 -5.26 10.70 16.57
C LEU A 139 -3.98 10.36 15.86
N ARG A 140 -3.33 9.39 16.43
CA ARG A 140 -2.09 8.86 15.98
C ARG A 140 -2.23 8.29 14.53
N VAL A 142 -4.50 9.14 12.06
CA VAL A 142 -4.66 10.15 11.03
C VAL A 142 -3.34 10.90 10.81
N THR A 143 -2.62 11.19 11.90
CA THR A 143 -1.30 11.83 11.83
C THR A 143 -0.39 10.99 10.96
N THR A 144 -0.36 9.70 11.24
CA THR A 144 0.49 8.79 10.50
C THR A 144 0.10 8.70 9.02
N LEU A 145 -1.20 8.57 8.75
CA LEU A 145 -1.68 8.47 7.37
C LEU A 145 -1.34 9.74 6.60
N ALA A 146 -1.61 10.90 7.20
CA ALA A 146 -1.32 12.16 6.49
C ALA A 146 0.17 12.32 6.17
N GLN A 147 1.02 11.94 7.12
CA GLN A 147 2.47 12.03 6.90
C GLN A 147 2.91 11.07 5.78
N ALA A 148 2.39 9.83 5.85
CA ALA A 148 2.75 8.82 4.87
C ALA A 148 2.27 9.14 3.46
N ALA A 149 1.07 9.69 3.36
CA ALA A 149 0.45 9.94 2.07
C ALA A 149 0.90 11.24 1.42
N GLY A 150 1.35 12.19 2.23
CA GLY A 150 1.54 13.56 1.77
C GLY A 150 2.87 13.87 1.11
N PRO A 151 3.24 15.15 1.13
CA PRO A 151 4.35 15.61 0.31
C PRO A 151 5.72 15.16 0.84
N ALA A 152 5.75 14.68 2.08
CA ALA A 152 6.97 14.09 2.66
C ALA A 152 6.95 12.56 2.60
N GLY A 153 5.91 12.01 1.97
CA GLY A 153 5.71 10.57 1.85
C GLY A 153 5.42 10.24 0.41
N VAL A 155 3.25 11.29 -2.00
CA VAL A 155 3.23 12.37 -3.01
C VAL A 155 4.63 12.90 -3.27
N GLY A 156 5.41 12.96 -2.21
CA GLY A 156 6.83 13.34 -2.32
C GLY A 156 7.57 12.36 -3.24
N GLY A 157 7.32 11.07 -3.04
CA GLY A 157 7.91 10.04 -3.90
C GLY A 157 7.56 10.23 -5.36
N GLN A 158 6.29 10.51 -5.62
CA GLN A 158 5.86 10.77 -6.99
CA GLN A 158 5.79 10.81 -6.97
C GLN A 158 6.55 11.99 -7.59
N ALA A 159 6.76 13.03 -6.78
CA ALA A 159 7.43 14.24 -7.23
C ALA A 159 8.91 13.98 -7.50
N ILE A 160 9.54 13.15 -6.67
CA ILE A 160 10.93 12.72 -6.90
C ILE A 160 11.03 11.93 -8.20
N ASP A 161 10.05 11.07 -8.45
CA ASP A 161 10.02 10.29 -9.66
C ASP A 161 9.98 11.23 -10.88
N LEU A 162 9.07 12.21 -10.84
CA LEU A 162 8.97 13.21 -11.92
C LEU A 162 10.27 13.95 -12.14
N GLY A 163 10.91 14.36 -11.03
CA GLY A 163 12.11 15.18 -11.09
C GLY A 163 13.36 14.40 -11.44
N SER A 164 13.22 13.08 -11.60
CA SER A 164 14.37 12.21 -11.85
C SER A 164 14.44 11.69 -13.29
N VAL A 165 13.45 12.07 -14.09
CA VAL A 165 13.37 11.70 -15.50
C VAL A 165 14.64 12.14 -16.24
N GLY A 166 15.35 11.17 -16.80
CA GLY A 166 16.58 11.42 -17.53
C GLY A 166 17.80 11.70 -16.65
N LEU A 167 17.72 11.31 -15.37
CA LEU A 167 18.88 11.35 -14.48
C LEU A 167 19.40 9.94 -14.27
N LYS A 168 20.71 9.81 -14.12
CA LYS A 168 21.29 8.52 -13.79
C LYS A 168 21.47 8.37 -12.28
N LEU A 169 20.42 7.88 -11.63
CA LEU A 169 20.38 7.72 -10.17
C LEU A 169 21.32 6.61 -9.70
N ASP A 170 21.97 6.83 -8.55
CA ASP A 170 22.70 5.76 -7.90
C ASP A 170 21.74 4.98 -7.00
N GLN A 171 22.25 3.95 -6.33
CA GLN A 171 21.43 3.08 -5.49
C GLN A 171 20.74 3.85 -4.36
N GLN A 172 21.49 4.72 -3.68
CA GLN A 172 20.97 5.56 -2.60
C GLN A 172 19.77 6.38 -3.06
N ALA A 173 19.89 6.99 -4.24
CA ALA A 173 18.84 7.86 -4.78
C ALA A 173 17.60 7.07 -5.20
N LEU A 174 17.84 5.91 -5.81
CA LEU A 174 16.77 5.01 -6.22
C LEU A 174 16.00 4.52 -5.00
N GLU A 175 16.73 4.09 -3.97
CA GLU A 175 16.10 3.65 -2.72
C GLU A 175 15.34 4.76 -2.02
N TYR A 176 15.92 5.96 -1.97
CA TYR A 176 15.25 7.12 -1.37
C TYR A 176 13.91 7.36 -2.07
N HIS A 178 12.09 5.18 -3.83
CA HIS A 178 11.19 4.06 -3.55
C HIS A 178 10.62 4.09 -2.14
N ARG A 179 11.46 4.46 -1.20
CA ARG A 179 11.02 4.49 0.20
C ARG A 179 9.87 5.48 0.33
N HIS A 180 9.90 6.55 -0.47
CA HIS A 180 8.80 7.51 -0.46
C HIS A 180 7.60 7.08 -1.28
N LYS A 181 7.85 6.71 -2.54
CA LYS A 181 6.81 6.41 -3.51
C LYS A 181 5.95 5.22 -3.08
N THR A 182 6.55 4.17 -2.53
CA THR A 182 5.78 3.00 -2.07
C THR A 182 6.04 2.62 -0.61
N GLY A 183 7.24 2.86 -0.08
CA GLY A 183 7.55 2.45 1.27
C GLY A 183 6.68 3.13 2.30
N ALA A 184 6.42 4.42 2.13
CA ALA A 184 5.71 5.17 3.17
C ALA A 184 4.33 4.61 3.44
N LEU A 185 3.58 4.31 2.38
CA LEU A 185 2.23 3.79 2.55
C LEU A 185 2.23 2.33 3.04
N ILE A 186 3.22 1.55 2.66
CA ILE A 186 3.37 0.20 3.21
C ILE A 186 3.62 0.25 4.72
N GLU A 187 4.50 1.16 5.13
CA GLU A 187 4.74 1.38 6.54
C GLU A 187 3.47 1.84 7.25
N ALA A 188 2.75 2.79 6.65
CA ALA A 188 1.50 3.24 7.28
C ALA A 188 0.52 2.09 7.46
N SER A 189 0.50 1.15 6.51
CA SER A 189 -0.44 0.04 6.58
C SER A 189 -0.18 -0.77 7.84
N VAL A 190 1.08 -1.15 8.07
CA VAL A 190 1.40 -1.96 9.25
C VAL A 190 1.27 -1.17 10.56
N ILE A 191 1.68 0.09 10.55
CA ILE A 191 1.62 0.91 11.76
C ILE A 191 0.15 1.19 12.13
N LEU A 192 -0.67 1.53 11.15
CA LEU A 192 -2.09 1.76 11.43
C LEU A 192 -2.77 0.49 11.95
N GLY A 193 -2.50 -0.66 11.33
CA GLY A 193 -3.10 -1.90 11.82
C GLY A 193 -2.65 -2.24 13.24
N ALA A 194 -1.36 -2.06 13.51
CA ALA A 194 -0.82 -2.31 14.86
C ALA A 194 -1.49 -1.39 15.87
N LEU A 195 -1.59 -0.10 15.54
CA LEU A 195 -2.28 0.86 16.40
C LEU A 195 -3.72 0.44 16.68
N ALA A 196 -4.41 -0.03 15.63
CA ALA A 196 -5.81 -0.44 15.71
C ALA A 196 -6.06 -1.55 16.73
N SER A 197 -5.06 -2.39 16.99
CA SER A 197 -5.19 -3.47 17.98
C SER A 197 -5.41 -2.94 19.40
N GLY A 198 -4.99 -1.70 19.65
CA GLY A 198 -5.02 -1.11 20.99
C GLY A 198 -3.96 -1.67 21.92
N ARG A 199 -3.06 -2.49 21.37
CA ARG A 199 -2.08 -3.25 22.16
C ARG A 199 -0.62 -2.94 21.77
N ALA A 200 -0.42 -2.00 20.85
CA ALA A 200 0.90 -1.70 20.31
C ALA A 200 1.81 -0.92 21.26
N GLU A 201 3.00 -1.48 21.50
CA GLU A 201 4.03 -0.82 22.30
C GLU A 201 5.11 -0.25 21.39
N LYS A 202 5.86 0.71 21.92
CA LYS A 202 6.95 1.39 21.21
C LYS A 202 7.86 0.44 20.43
N GLY A 203 8.38 -0.59 21.10
CA GLY A 203 9.32 -1.53 20.48
C GLY A 203 8.71 -2.29 19.32
N GLU A 204 7.45 -2.67 19.47
CA GLU A 204 6.73 -3.40 18.42
C GLU A 204 6.46 -2.55 17.20
N LEU A 205 6.15 -1.27 17.41
CA LEU A 205 5.96 -0.36 16.28
C LEU A 205 7.26 -0.15 15.51
N LYS A 206 8.37 0.00 16.23
CA LYS A 206 9.70 0.11 15.64
C LYS A 206 10.02 -1.12 14.76
N ALA A 207 9.78 -2.30 15.32
CA ALA A 207 10.00 -3.57 14.63
C ALA A 207 9.19 -3.62 13.32
N LEU A 208 7.92 -3.25 13.41
CA LEU A 208 7.03 -3.25 12.25
C LEU A 208 7.45 -2.22 11.20
N GLN A 209 7.96 -1.08 11.63
CA GLN A 209 8.54 -0.08 10.71
C GLN A 209 9.68 -0.71 9.91
N THR A 210 10.57 -1.42 10.61
CA THR A 210 11.71 -2.06 9.96
C THR A 210 11.24 -3.13 8.96
N TYR A 211 10.30 -3.96 9.40
CA TYR A 211 9.66 -4.94 8.54
C TYR A 211 9.10 -4.26 7.27
N ALA A 212 8.32 -3.21 7.48
CA ALA A 212 7.65 -2.53 6.38
C ALA A 212 8.63 -1.94 5.36
N GLN A 213 9.69 -1.29 5.84
CA GLN A 213 10.66 -0.71 4.95
C GLN A 213 11.38 -1.78 4.13
N ALA A 214 11.71 -2.88 4.79
CA ALA A 214 12.34 -4.01 4.11
C ALA A 214 11.48 -4.65 3.05
N ILE A 215 10.19 -4.93 3.34
CA ILE A 215 9.36 -5.50 2.27
C ILE A 215 9.06 -4.48 1.17
N GLY A 216 8.96 -3.20 1.52
CA GLY A 216 8.76 -2.14 0.53
C GLY A 216 9.86 -2.17 -0.51
N LEU A 217 11.10 -2.21 -0.05
CA LEU A 217 12.22 -2.33 -0.97
C LEU A 217 12.28 -3.70 -1.66
N ALA A 218 11.98 -4.77 -0.94
CA ALA A 218 12.00 -6.10 -1.55
C ALA A 218 11.08 -6.18 -2.77
N PHE A 219 9.89 -5.60 -2.66
CA PHE A 219 8.94 -5.52 -3.79
C PHE A 219 9.60 -4.85 -5.00
N GLN A 220 10.27 -3.72 -4.75
CA GLN A 220 10.87 -2.93 -5.83
C GLN A 220 12.06 -3.63 -6.47
N VAL A 221 12.91 -4.22 -5.63
CA VAL A 221 14.05 -5.00 -6.13
C VAL A 221 13.58 -6.19 -6.95
N GLN A 222 12.65 -6.97 -6.40
CA GLN A 222 12.11 -8.14 -7.10
C GLN A 222 11.46 -7.76 -8.44
N ASP A 223 10.67 -6.69 -8.45
CA ASP A 223 10.07 -6.19 -9.71
C ASP A 223 11.13 -5.96 -10.79
N ASP A 224 12.24 -5.34 -10.42
CA ASP A 224 13.33 -5.10 -11.36
C ASP A 224 13.98 -6.39 -11.87
N ILE A 225 14.15 -7.35 -10.97
CA ILE A 225 14.74 -8.65 -11.33
C ILE A 225 13.82 -9.34 -12.33
N LEU A 226 12.52 -9.33 -12.06
CA LEU A 226 11.55 -9.97 -12.92
C LEU A 226 11.50 -9.31 -14.31
N ASP A 227 11.65 -7.98 -14.34
CA ASP A 227 11.71 -7.26 -15.62
C ASP A 227 12.89 -7.72 -16.47
N VAL A 228 14.07 -7.83 -15.85
CA VAL A 228 15.28 -8.27 -16.56
C VAL A 228 15.13 -9.72 -17.04
N GLU A 229 14.57 -10.58 -16.18
CA GLU A 229 14.42 -11.99 -16.51
C GLU A 229 13.41 -12.19 -17.64
N SER A 230 12.38 -11.34 -17.66
CA SER A 230 11.40 -11.36 -18.75
C SER A 230 12.05 -10.87 -20.05
N ASP A 231 12.81 -9.78 -19.97
CA ASP A 231 13.53 -9.26 -21.13
C ASP A 231 14.53 -10.27 -21.70
N THR A 232 15.28 -10.93 -20.82
CA THR A 232 16.20 -12.00 -21.23
C THR A 232 15.45 -13.11 -21.96
N ALA A 233 14.27 -13.46 -21.43
CA ALA A 233 13.41 -14.51 -22.00
C ALA A 233 12.87 -14.17 -23.39
N THR A 234 12.53 -12.90 -23.60
CA THR A 234 11.91 -12.48 -24.85
C THR A 234 12.94 -12.01 -25.89
N LEU A 235 14.00 -11.36 -25.42
CA LEU A 235 14.93 -10.67 -26.31
C LEU A 235 16.32 -11.31 -26.37
N PRO A 248 17.33 3.38 -14.43
CA PRO A 248 17.85 3.14 -13.09
C PRO A 248 17.12 1.97 -12.43
N THR A 249 17.79 0.81 -12.41
CA THR A 249 17.22 -0.40 -11.83
C THR A 249 18.26 -1.03 -10.91
N TYR A 250 17.80 -1.90 -10.02
CA TYR A 250 18.71 -2.59 -9.12
C TYR A 250 19.67 -3.51 -9.87
N PRO A 251 19.19 -4.27 -10.88
CA PRO A 251 20.15 -5.09 -11.63
C PRO A 251 21.21 -4.27 -12.40
N ALA A 252 20.85 -3.10 -12.91
CA ALA A 252 21.81 -2.26 -13.64
C ALA A 252 22.87 -1.72 -12.70
N LEU A 253 22.47 -1.32 -11.50
CA LEU A 253 23.37 -0.75 -10.51
C LEU A 253 24.22 -1.80 -9.79
N LEU A 254 23.62 -2.97 -9.54
CA LEU A 254 24.25 -4.00 -8.72
C LEU A 254 24.79 -5.18 -9.51
N GLY A 255 24.28 -5.37 -10.73
CA GLY A 255 24.44 -6.63 -11.43
C GLY A 255 23.29 -7.52 -10.98
N LEU A 256 22.80 -8.35 -11.91
CA LEU A 256 21.66 -9.24 -11.65
C LEU A 256 21.88 -10.19 -10.48
N ALA A 257 23.07 -10.81 -10.41
CA ALA A 257 23.39 -11.75 -9.34
C ALA A 257 23.28 -11.09 -7.97
N ALA A 258 23.89 -9.92 -7.85
CA ALA A 258 23.90 -9.15 -6.61
C ALA A 258 22.50 -8.65 -6.26
N ALA A 259 21.73 -8.24 -7.28
CA ALA A 259 20.35 -7.80 -7.06
C ALA A 259 19.51 -8.93 -6.47
N LYS A 260 19.70 -10.14 -7.01
CA LYS A 260 19.01 -11.34 -6.52
C LYS A 260 19.34 -11.61 -5.05
N GLU A 261 20.63 -11.52 -4.72
CA GLU A 261 21.10 -11.67 -3.35
C GLU A 261 20.46 -10.62 -2.44
N TYR A 262 20.39 -9.38 -2.94
CA TYR A 262 19.78 -8.27 -2.21
C TYR A 262 18.30 -8.49 -1.90
N ALA A 263 17.54 -9.01 -2.87
CA ALA A 263 16.12 -9.29 -2.64
C ALA A 263 15.95 -10.30 -1.50
N LEU A 264 16.79 -11.33 -1.51
CA LEU A 264 16.79 -12.32 -0.42
C LEU A 264 17.20 -11.72 0.93
N GLU A 265 18.18 -10.85 0.91
CA GLU A 265 18.65 -10.12 2.08
C GLU A 265 17.52 -9.29 2.69
N LEU A 266 16.76 -8.61 1.84
CA LEU A 266 15.65 -7.76 2.29
C LEU A 266 14.53 -8.59 2.91
N ARG A 267 14.20 -9.72 2.26
CA ARG A 267 13.27 -10.67 2.85
C ARG A 267 13.76 -11.06 4.24
N ASP A 268 15.04 -11.42 4.35
CA ASP A 268 15.60 -11.86 5.64
C ASP A 268 15.57 -10.77 6.70
N GLN A 269 15.81 -9.52 6.28
CA GLN A 269 15.69 -8.37 7.18
C GLN A 269 14.25 -8.23 7.70
N ALA A 270 13.28 -8.41 6.81
CA ALA A 270 11.88 -8.33 7.23
C ALA A 270 11.53 -9.44 8.20
N LEU A 271 11.97 -10.67 7.92
CA LEU A 271 11.70 -11.80 8.79
C LEU A 271 12.37 -11.61 10.16
N HIS A 272 13.59 -11.09 10.14
CA HIS A 272 14.33 -10.86 11.37
C HIS A 272 13.63 -9.82 12.25
N ALA A 273 13.06 -8.78 11.62
CA ALA A 273 12.34 -7.70 12.33
C ALA A 273 11.14 -8.27 13.10
N LEU A 274 10.58 -9.38 12.63
CA LEU A 274 9.40 -9.99 13.26
C LEU A 274 9.70 -10.99 14.36
N ARG A 275 10.99 -11.14 14.70
CA ARG A 275 11.40 -12.07 15.76
C ARG A 275 10.74 -11.83 17.14
N PRO A 276 10.39 -10.58 17.49
CA PRO A 276 9.67 -10.36 18.74
C PRO A 276 8.20 -10.82 18.76
N PHE A 277 7.68 -11.31 17.63
CA PHE A 277 6.28 -11.72 17.53
C PHE A 277 6.12 -13.24 17.46
N ASP A 278 5.02 -13.73 18.03
CA ASP A 278 4.73 -15.17 18.00
C ASP A 278 4.09 -15.60 16.68
N ALA A 279 3.43 -16.76 16.68
CA ALA A 279 2.80 -17.34 15.49
C ALA A 279 1.71 -16.47 14.87
N ALA A 280 1.15 -15.56 15.66
CA ALA A 280 0.11 -14.68 15.15
C ALA A 280 0.65 -13.76 14.04
N ALA A 281 1.98 -13.65 13.93
CA ALA A 281 2.62 -12.85 12.89
C ALA A 281 2.94 -13.63 11.62
N GLU A 282 2.51 -14.89 11.56
CA GLU A 282 2.81 -15.73 10.40
C GLU A 282 2.40 -15.12 9.05
N PRO A 283 1.21 -14.48 8.95
CA PRO A 283 0.89 -13.89 7.65
C PRO A 283 1.90 -12.84 7.19
N LEU A 284 2.47 -12.07 8.12
CA LEU A 284 3.51 -11.10 7.74
C LEU A 284 4.78 -11.80 7.26
N ARG A 285 5.11 -12.93 7.90
CA ARG A 285 6.28 -13.72 7.48
C ARG A 285 6.05 -14.32 6.10
N GLU A 286 4.85 -14.85 5.89
CA GLU A 286 4.50 -15.46 4.60
C GLU A 286 4.55 -14.45 3.47
N LEU A 287 4.07 -13.23 3.73
CA LEU A 287 4.13 -12.19 2.72
C LEU A 287 5.58 -11.86 2.33
N ALA A 288 6.46 -11.76 3.34
CA ALA A 288 7.86 -11.48 3.04
C ALA A 288 8.47 -12.57 2.16
N ARG A 289 8.17 -13.84 2.47
CA ARG A 289 8.67 -14.96 1.67
C ARG A 289 8.08 -14.92 0.28
N TYR A 290 6.78 -14.62 0.20
CA TYR A 290 6.05 -14.57 -1.07
C TYR A 290 6.70 -13.64 -2.10
N ILE A 291 7.13 -12.48 -1.64
CA ILE A 291 7.67 -11.45 -2.52
C ILE A 291 8.75 -12.01 -3.45
N VAL A 292 9.62 -12.89 -2.91
CA VAL A 292 10.74 -13.44 -3.69
C VAL A 292 10.51 -14.85 -4.29
N GLU A 293 9.34 -15.42 -4.05
CA GLU A 293 9.02 -16.75 -4.58
C GLU A 293 8.65 -16.73 -6.06
#